data_2WZD
#
_entry.id   2WZD
#
_cell.length_a   39.380
_cell.length_b   91.590
_cell.length_c   108.480
_cell.angle_alpha   90.00
_cell.angle_beta   90.00
_cell.angle_gamma   90.00
#
_symmetry.space_group_name_H-M   'P 21 21 21'
#
loop_
_entity.id
_entity.type
_entity.pdbx_description
1 polymer 'PHOSPHOGLYCERATE KINASE 1'
2 non-polymer 'MAGNESIUM ION'
3 non-polymer 'CHLORIDE ION'
4 non-polymer 'ALUMINUM FLUORIDE'
5 non-polymer "ADENOSINE-5'-DIPHOSPHATE"
6 non-polymer '3-PHOSPHOGLYCERIC ACID'
7 water water
#
_entity_poly.entity_id   1
_entity_poly.type   'polypeptide(L)'
_entity_poly.pdbx_seq_one_letter_code
;MSLSNKLTLDKLDVKGKRVVMRVDFNVPMKNNQITNNQRIKAAVPSIKFCLDNGAKSVVLMSHLGRPDGVPMPDKYSLEP
VAVELKSLLGKDVLFLKDCVGPEVEKACANPAAGSVILLENLRFHVEEEGKGKDASGNKVKAEPAKIEAFRASLSKLGDV
YVNDAFGTAHRAHSSMVGVNLPQKAGGFLMKKELNYFAKALESPERPFLAILGGAKVADAIQLINNMLDKVNEMIIGGGM
AFTFLKVLNNMEIGTSLFDEEGAKIVKDLMSKAEKNGVKITLPVDFVTADKFDENAKTGQATVASGIPAGWMGLDCGPES
SKKYAEAVTRAKQIVWNGPVGVFEWEAFARGTKALMDEVVKATSRGCITIIGGGDTATCCAKWNTEDKVSHVSTGGGASL
ELLEGKVLPGVDALSNI
;
_entity_poly.pdbx_strand_id   A
#
loop_
_chem_comp.id
_chem_comp.type
_chem_comp.name
_chem_comp.formula
3PG non-polymer '3-PHOSPHOGLYCERIC ACID' 'C3 H7 O7 P'
ADP non-polymer ADENOSINE-5'-DIPHOSPHATE 'C10 H15 N5 O10 P2'
AF3 non-polymer 'ALUMINUM FLUORIDE' 'Al F3'
CL non-polymer 'CHLORIDE ION' 'Cl -1'
MG non-polymer 'MAGNESIUM ION' 'Mg 2'
#
# COMPACT_ATOMS: atom_id res chain seq x y z
N LEU A 3 -19.95 3.93 -1.83
CA LEU A 3 -20.53 2.59 -2.14
C LEU A 3 -22.06 2.60 -2.14
N SER A 4 -22.67 3.75 -2.41
CA SER A 4 -24.14 3.89 -2.42
C SER A 4 -24.74 2.94 -3.43
N ASN A 5 -23.99 2.73 -4.49
CA ASN A 5 -24.44 1.91 -5.61
C ASN A 5 -23.98 0.44 -5.52
N LYS A 6 -23.24 0.10 -4.48
CA LYS A 6 -22.68 -1.24 -4.35
C LYS A 6 -23.19 -1.96 -3.11
N LEU A 7 -23.35 -3.27 -3.23
CA LEU A 7 -23.64 -4.10 -2.08
C LEU A 7 -22.52 -3.98 -1.05
N THR A 8 -22.91 -3.79 0.20
CA THR A 8 -21.96 -3.79 1.32
C THR A 8 -22.41 -4.78 2.40
N LEU A 9 -21.47 -5.10 3.27
CA LEU A 9 -21.59 -6.21 4.18
C LEU A 9 -22.75 -6.04 5.14
N ASP A 10 -23.12 -4.80 5.45
CA ASP A 10 -24.24 -4.50 6.35
C ASP A 10 -25.58 -5.00 5.76
N LYS A 11 -25.61 -5.23 4.46
CA LYS A 11 -26.82 -5.67 3.77
C LYS A 11 -26.68 -7.06 3.13
N LEU A 12 -25.64 -7.76 3.50
CA LEU A 12 -25.35 -9.10 3.00
C LEU A 12 -25.85 -10.13 4.02
N ASP A 13 -26.75 -11.01 3.60
CA ASP A 13 -27.21 -12.10 4.47
C ASP A 13 -26.10 -13.15 4.53
N VAL A 14 -25.49 -13.31 5.70
CA VAL A 14 -24.43 -14.32 5.82
C VAL A 14 -24.84 -15.52 6.65
N LYS A 15 -26.08 -15.55 7.16
CA LYS A 15 -26.48 -16.64 8.04
C LYS A 15 -26.45 -17.97 7.30
N GLY A 16 -25.64 -18.90 7.82
CA GLY A 16 -25.51 -20.24 7.20
C GLY A 16 -24.65 -20.26 5.94
N LYS A 17 -24.05 -19.13 5.59
CA LYS A 17 -23.27 -19.03 4.36
C LYS A 17 -21.79 -19.16 4.62
N ARG A 18 -21.07 -19.79 3.71
CA ARG A 18 -19.63 -19.72 3.66
C ARG A 18 -19.25 -18.37 3.03
N VAL A 19 -18.39 -17.62 3.71
CA VAL A 19 -17.93 -16.33 3.18
C VAL A 19 -16.49 -16.45 2.70
N VAL A 20 -16.21 -16.08 1.45
CA VAL A 20 -14.82 -15.98 0.98
C VAL A 20 -14.50 -14.49 0.92
N MET A 21 -13.44 -14.08 1.62
CA MET A 21 -13.14 -12.66 1.82
C MET A 21 -11.73 -12.35 1.40
N ARG A 22 -11.62 -11.39 0.46
CA ARG A 22 -10.33 -10.82 0.10
C ARG A 22 -10.00 -9.76 1.14
N VAL A 23 -8.82 -9.89 1.75
CA VAL A 23 -8.27 -8.93 2.68
C VAL A 23 -6.90 -8.51 2.18
N ASP A 24 -6.45 -7.34 2.65
CA ASP A 24 -5.07 -6.94 2.46
C ASP A 24 -4.32 -7.24 3.75
N PHE A 25 -3.70 -8.40 3.76
CA PHE A 25 -2.81 -8.85 4.83
C PHE A 25 -1.32 -8.82 4.38
N ASN A 26 -1.00 -7.90 3.46
CA ASN A 26 0.34 -7.64 3.07
C ASN A 26 1.05 -6.79 4.11
N VAL A 27 1.41 -7.41 5.22
CA VAL A 27 1.99 -6.74 6.39
C VAL A 27 3.50 -6.65 6.29
N PRO A 28 4.11 -5.59 6.89
CA PRO A 28 5.56 -5.52 6.86
C PRO A 28 6.20 -6.59 7.77
N MET A 29 7.32 -7.12 7.33
CA MET A 29 8.08 -8.17 8.02
C MET A 29 9.52 -7.67 8.14
N LYS A 30 10.15 -7.87 9.30
CA LYS A 30 11.59 -7.60 9.46
C LYS A 30 12.12 -8.70 10.34
N ASN A 31 13.30 -9.20 9.98
CA ASN A 31 13.82 -10.40 10.63
C ASN A 31 12.75 -11.49 10.82
N ASN A 32 11.84 -11.64 9.84
CA ASN A 32 10.76 -12.68 9.83
C ASN A 32 9.55 -12.49 10.77
N GLN A 33 9.60 -11.43 11.57
CA GLN A 33 8.49 -11.10 12.46
C GLN A 33 7.61 -10.05 11.76
N ILE A 34 6.32 -10.05 12.06
CA ILE A 34 5.40 -9.00 11.60
C ILE A 34 5.78 -7.74 12.38
N THR A 35 6.07 -6.64 11.69
CA THR A 35 6.46 -5.42 12.39
C THR A 35 5.30 -4.46 12.66
N ASN A 36 4.16 -4.70 12.00
CA ASN A 36 2.95 -3.89 12.19
C ASN A 36 1.74 -4.72 11.82
N ASN A 37 0.85 -4.94 12.78
CA ASN A 37 -0.37 -5.68 12.51
C ASN A 37 -1.56 -4.81 12.08
N GLN A 38 -1.29 -3.51 11.79
CA GLN A 38 -2.33 -2.57 11.37
C GLN A 38 -3.32 -3.18 10.38
N ARG A 39 -2.83 -3.79 9.29
CA ARG A 39 -3.69 -4.25 8.22
C ARG A 39 -4.53 -5.44 8.65
N ILE A 40 -4.00 -6.26 9.54
CA ILE A 40 -4.76 -7.39 10.07
C ILE A 40 -5.86 -6.91 11.00
N LYS A 41 -5.49 -6.08 11.96
CA LYS A 41 -6.48 -5.51 12.89
C LYS A 41 -7.61 -4.81 12.12
N ALA A 42 -7.25 -4.13 11.05
CA ALA A 42 -8.24 -3.37 10.29
C ALA A 42 -9.35 -4.21 9.67
N ALA A 43 -9.10 -5.50 9.39
CA ALA A 43 -10.10 -6.41 8.80
C ALA A 43 -10.96 -7.09 9.87
N VAL A 44 -10.59 -6.99 11.14
CA VAL A 44 -11.29 -7.74 12.19
C VAL A 44 -12.80 -7.36 12.26
N PRO A 45 -13.16 -6.06 12.11
CA PRO A 45 -14.60 -5.76 12.21
C PRO A 45 -15.47 -6.52 11.19
N SER A 46 -15.00 -6.63 9.96
CA SER A 46 -15.79 -7.39 8.95
C SER A 46 -15.81 -8.90 9.28
N ILE A 47 -14.65 -9.43 9.72
CA ILE A 47 -14.59 -10.86 10.04
C ILE A 47 -15.49 -11.21 11.19
N LYS A 48 -15.39 -10.42 12.26
CA LYS A 48 -16.25 -10.60 13.43
C LYS A 48 -17.73 -10.45 13.10
N PHE A 49 -18.08 -9.51 12.23
CA PHE A 49 -19.46 -9.28 11.87
C PHE A 49 -19.98 -10.55 11.19
N CYS A 50 -19.19 -11.12 10.30
CA CYS A 50 -19.64 -12.34 9.63
C CYS A 50 -19.89 -13.45 10.63
N LEU A 51 -18.96 -13.65 11.55
CA LEU A 51 -19.11 -14.74 12.52
C LEU A 51 -20.28 -14.49 13.48
N ASP A 52 -20.42 -13.25 13.92
CA ASP A 52 -21.47 -12.84 14.85
C ASP A 52 -22.88 -12.98 14.27
N ASN A 53 -22.97 -12.83 12.95
CA ASN A 53 -24.24 -12.93 12.23
C ASN A 53 -24.42 -14.27 11.55
N GLY A 54 -23.68 -15.25 12.02
CA GLY A 54 -23.99 -16.63 11.69
C GLY A 54 -23.32 -17.24 10.48
N ALA A 55 -22.27 -16.65 9.95
CA ALA A 55 -21.47 -17.27 8.87
C ALA A 55 -21.06 -18.67 9.24
N LYS A 56 -21.20 -19.59 8.29
CA LYS A 56 -20.70 -20.95 8.48
C LYS A 56 -19.18 -20.97 8.56
N SER A 57 -18.57 -20.18 7.71
CA SER A 57 -17.09 -20.05 7.67
C SER A 57 -16.70 -18.71 7.14
N VAL A 58 -15.47 -18.31 7.42
CA VAL A 58 -14.85 -17.16 6.76
C VAL A 58 -13.48 -17.66 6.25
N VAL A 59 -13.33 -17.66 4.93
CA VAL A 59 -12.09 -18.03 4.25
C VAL A 59 -11.42 -16.72 3.81
N LEU A 60 -10.22 -16.49 4.33
CA LEU A 60 -9.48 -15.25 4.10
C LEU A 60 -8.39 -15.45 3.05
N MET A 61 -8.28 -14.52 2.13
CA MET A 61 -7.23 -14.61 1.12
C MET A 61 -6.56 -13.30 0.86
N SER A 62 -5.26 -13.37 0.67
CA SER A 62 -4.43 -12.19 0.45
C SER A 62 -3.15 -12.54 -0.29
N HIS A 63 -2.45 -11.51 -0.74
CA HIS A 63 -1.07 -11.64 -1.16
C HIS A 63 -0.12 -11.20 -0.01
N LEU A 64 1.15 -11.52 -0.17
CA LEU A 64 2.23 -11.00 0.69
C LEU A 64 3.41 -10.74 -0.21
N GLY A 65 3.84 -9.50 -0.27
CA GLY A 65 4.95 -9.16 -1.10
C GLY A 65 4.71 -9.33 -2.57
N ARG A 66 5.82 -9.47 -3.29
CA ARG A 66 5.83 -9.62 -4.76
C ARG A 66 6.65 -10.84 -5.22
N PRO A 67 6.10 -12.04 -4.89
CA PRO A 67 6.80 -13.27 -5.27
C PRO A 67 6.69 -13.62 -6.75
N ASP A 68 5.88 -12.88 -7.50
CA ASP A 68 5.92 -12.92 -8.96
C ASP A 68 5.49 -14.27 -9.58
N GLY A 69 4.59 -14.97 -8.90
CA GLY A 69 3.92 -16.14 -9.49
C GLY A 69 4.66 -17.44 -9.30
N VAL A 70 5.61 -17.45 -8.38
CA VAL A 70 6.33 -18.68 -8.04
C VAL A 70 6.12 -18.91 -6.54
N PRO A 71 5.93 -20.18 -6.12
CA PRO A 71 5.81 -20.40 -4.67
C PRO A 71 7.11 -20.06 -3.93
N MET A 72 7.02 -19.18 -2.93
CA MET A 72 8.17 -18.78 -2.12
C MET A 72 7.80 -18.81 -0.64
N PRO A 73 7.41 -20.00 -0.13
CA PRO A 73 6.94 -20.12 1.25
C PRO A 73 8.05 -19.84 2.27
N ASP A 74 9.29 -19.94 1.82
CA ASP A 74 10.43 -19.65 2.66
C ASP A 74 10.48 -18.16 3.01
N LYS A 75 10.03 -17.32 2.06
CA LYS A 75 10.19 -15.87 2.16
C LYS A 75 8.89 -15.08 2.30
N TYR A 76 7.81 -15.57 1.70
CA TYR A 76 6.57 -14.80 1.62
C TYR A 76 5.35 -15.63 2.02
N SER A 77 5.51 -16.52 2.98
CA SER A 77 4.33 -17.28 3.46
C SER A 77 3.45 -16.41 4.36
N LEU A 78 2.13 -16.59 4.24
CA LEU A 78 1.17 -15.92 5.16
C LEU A 78 1.01 -16.64 6.52
N GLU A 79 1.70 -17.74 6.73
CA GLU A 79 1.53 -18.51 7.99
C GLU A 79 1.62 -17.69 9.29
N PRO A 80 2.59 -16.74 9.40
CA PRO A 80 2.68 -15.90 10.60
C PRO A 80 1.47 -15.00 10.84
N VAL A 81 0.80 -14.62 9.77
CA VAL A 81 -0.43 -13.80 9.84
C VAL A 81 -1.54 -14.63 10.47
N ALA A 82 -1.61 -15.92 10.16
CA ALA A 82 -2.66 -16.78 10.75
C ALA A 82 -2.51 -16.77 12.25
N VAL A 83 -1.27 -16.87 12.71
CA VAL A 83 -1.01 -16.86 14.12
C VAL A 83 -1.45 -15.55 14.78
N GLU A 84 -1.14 -14.42 14.14
CA GLU A 84 -1.49 -13.09 14.66
C GLU A 84 -3.00 -12.84 14.66
N LEU A 85 -3.66 -13.31 13.61
CA LEU A 85 -5.12 -13.11 13.50
C LEU A 85 -5.86 -13.73 14.70
N LYS A 86 -5.43 -14.91 15.12
CA LYS A 86 -5.95 -15.57 16.35
C LYS A 86 -6.05 -14.67 17.62
N SER A 87 -4.96 -13.96 17.93
CA SER A 87 -4.95 -13.08 19.11
C SER A 87 -5.90 -11.89 19.00
N LEU A 88 -6.02 -11.37 17.78
CA LEU A 88 -6.77 -10.14 17.55
C LEU A 88 -8.27 -10.41 17.49
N LEU A 89 -8.63 -11.67 17.17
CA LEU A 89 -10.03 -12.06 16.96
C LEU A 89 -10.65 -12.61 18.21
N GLY A 90 -9.83 -13.25 19.06
CA GLY A 90 -10.33 -14.06 20.17
C GLY A 90 -10.88 -15.39 19.70
N LYS A 91 -10.38 -15.88 18.55
CA LYS A 91 -10.87 -17.13 17.92
C LYS A 91 -9.72 -17.81 17.17
N ASP A 92 -9.71 -19.14 17.08
CA ASP A 92 -8.61 -19.79 16.33
C ASP A 92 -8.77 -19.69 14.79
N VAL A 93 -7.66 -19.79 14.06
CA VAL A 93 -7.71 -19.76 12.59
C VAL A 93 -6.80 -20.85 12.00
N LEU A 94 -7.32 -21.53 10.96
CA LEU A 94 -6.64 -22.65 10.30
C LEU A 94 -5.93 -22.19 9.02
N PHE A 95 -4.65 -22.53 8.91
CA PHE A 95 -3.83 -22.11 7.77
C PHE A 95 -3.68 -23.24 6.76
N LEU A 96 -4.00 -22.94 5.50
CA LEU A 96 -3.75 -23.87 4.41
C LEU A 96 -2.51 -23.45 3.66
N LYS A 97 -1.75 -24.44 3.17
CA LYS A 97 -0.49 -24.17 2.48
C LYS A 97 -0.62 -23.87 0.97
N ASP A 98 -1.86 -23.78 0.48
CA ASP A 98 -2.13 -23.30 -0.87
C ASP A 98 -3.41 -22.45 -0.83
N CYS A 99 -3.81 -21.91 -1.98
CA CYS A 99 -5.07 -21.16 -2.09
C CYS A 99 -6.08 -21.70 -3.12
N VAL A 100 -5.64 -22.65 -3.95
CA VAL A 100 -6.48 -23.34 -4.92
C VAL A 100 -5.85 -24.77 -4.88
N GLY A 101 -6.56 -25.87 -4.75
CA GLY A 101 -7.49 -26.48 -5.70
C GLY A 101 -7.96 -27.67 -4.88
N PRO A 102 -7.85 -28.92 -5.36
CA PRO A 102 -8.49 -30.03 -4.65
C PRO A 102 -8.46 -30.11 -3.15
N GLU A 103 -7.30 -30.05 -2.57
CA GLU A 103 -7.17 -30.08 -1.10
C GLU A 103 -7.75 -28.84 -0.41
N VAL A 104 -7.44 -27.66 -0.93
CA VAL A 104 -8.05 -26.43 -0.40
C VAL A 104 -9.56 -26.48 -0.56
N GLU A 105 -10.02 -26.90 -1.74
CA GLU A 105 -11.48 -26.98 -2.00
C GLU A 105 -12.18 -27.91 -1.01
N LYS A 106 -11.55 -29.03 -0.70
CA LYS A 106 -12.08 -29.96 0.29
C LYS A 106 -12.16 -29.35 1.70
N ALA A 107 -11.09 -28.65 2.10
CA ALA A 107 -11.06 -27.98 3.40
C ALA A 107 -12.11 -26.87 3.55
N CYS A 108 -12.47 -26.22 2.45
CA CYS A 108 -13.45 -25.14 2.49
C CYS A 108 -14.88 -25.54 2.12
N ALA A 109 -15.09 -26.78 1.68
CA ALA A 109 -16.38 -27.19 1.12
C ALA A 109 -17.52 -27.24 2.15
N ASN A 110 -17.21 -27.78 3.33
CA ASN A 110 -18.22 -28.01 4.33
C ASN A 110 -17.62 -27.88 5.72
N PRO A 111 -17.19 -26.65 6.06
CA PRO A 111 -16.49 -26.49 7.33
C PRO A 111 -17.41 -26.54 8.54
N ALA A 112 -16.83 -26.90 9.68
CA ALA A 112 -17.52 -26.82 10.97
C ALA A 112 -17.98 -25.36 11.19
N ALA A 113 -19.07 -25.19 11.94
CA ALA A 113 -19.67 -23.89 12.13
C ALA A 113 -18.71 -22.92 12.78
N GLY A 114 -18.58 -21.74 12.17
CA GLY A 114 -17.73 -20.69 12.71
C GLY A 114 -16.25 -20.80 12.35
N SER A 115 -15.91 -21.69 11.41
CA SER A 115 -14.49 -21.87 10.99
C SER A 115 -13.88 -20.65 10.32
N VAL A 116 -12.68 -20.27 10.75
CA VAL A 116 -11.93 -19.23 10.09
C VAL A 116 -10.72 -19.90 9.44
N ILE A 117 -10.53 -19.61 8.16
CA ILE A 117 -9.50 -20.27 7.34
C ILE A 117 -8.71 -19.22 6.60
N LEU A 118 -7.37 -19.29 6.67
CA LEU A 118 -6.52 -18.36 5.92
C LEU A 118 -5.75 -19.17 4.90
N LEU A 119 -5.90 -18.80 3.65
CA LEU A 119 -5.16 -19.43 2.56
C LEU A 119 -3.73 -18.89 2.42
N GLU A 120 -2.92 -19.61 1.67
CA GLU A 120 -1.59 -19.12 1.39
C GLU A 120 -1.58 -18.00 0.36
N ASN A 121 -0.48 -17.28 0.35
CA ASN A 121 -0.19 -16.24 -0.63
C ASN A 121 -0.71 -16.47 -2.04
N LEU A 122 -1.70 -15.68 -2.44
CA LEU A 122 -2.25 -15.75 -3.75
C LEU A 122 -1.23 -15.55 -4.86
N ARG A 123 -0.21 -14.75 -4.62
CA ARG A 123 0.80 -14.44 -5.67
C ARG A 123 1.87 -15.53 -5.89
N PHE A 124 1.73 -16.64 -5.19
CA PHE A 124 2.51 -17.84 -5.51
C PHE A 124 2.05 -18.45 -6.83
N HIS A 125 0.90 -18.00 -7.32
CA HIS A 125 0.34 -18.35 -8.61
C HIS A 125 0.38 -17.19 -9.62
N VAL A 126 0.90 -17.45 -10.80
CA VAL A 126 0.94 -16.44 -11.86
C VAL A 126 -0.46 -15.92 -12.22
N GLU A 127 -1.49 -16.73 -12.01
CA GLU A 127 -2.85 -16.41 -12.40
C GLU A 127 -3.46 -15.29 -11.56
N GLU A 128 -2.90 -15.00 -10.38
CA GLU A 128 -3.43 -13.91 -9.54
C GLU A 128 -3.20 -12.57 -10.22
N GLU A 129 -1.94 -12.24 -10.52
CA GLU A 129 -1.64 -10.99 -11.26
C GLU A 129 -2.02 -10.82 -12.79
N GLY A 130 -2.35 -11.81 -13.60
CA GLY A 130 -1.65 -13.00 -13.87
C GLY A 130 -0.61 -12.70 -14.97
N LYS A 131 0.53 -12.28 -14.52
CA LYS A 131 1.74 -12.21 -15.28
C LYS A 131 2.75 -12.38 -14.21
N GLY A 132 3.98 -12.71 -14.56
CA GLY A 132 5.03 -12.70 -13.57
C GLY A 132 6.39 -12.99 -14.15
N GLU A 143 -2.25 -18.17 -21.25
CA GLU A 143 -2.64 -18.37 -19.86
C GLU A 143 -4.11 -18.05 -19.55
N PRO A 144 -4.92 -17.62 -20.54
CA PRO A 144 -6.30 -17.28 -20.19
C PRO A 144 -7.10 -18.40 -19.51
N ALA A 145 -6.97 -19.63 -20.01
CA ALA A 145 -7.69 -20.78 -19.46
C ALA A 145 -7.25 -21.08 -18.03
N LYS A 146 -5.95 -20.94 -17.77
CA LYS A 146 -5.41 -21.11 -16.42
C LYS A 146 -5.93 -20.00 -15.49
N ILE A 147 -6.02 -18.77 -16.00
CA ILE A 147 -6.59 -17.66 -15.21
C ILE A 147 -8.06 -17.94 -14.82
N GLU A 148 -8.84 -18.38 -15.82
CA GLU A 148 -10.22 -18.81 -15.60
C GLU A 148 -10.32 -19.92 -14.54
N ALA A 149 -9.46 -20.93 -14.65
CA ALA A 149 -9.50 -22.06 -13.72
C ALA A 149 -9.13 -21.63 -12.30
N PHE A 150 -8.20 -20.68 -12.20
CA PHE A 150 -7.82 -20.11 -10.91
C PHE A 150 -9.00 -19.39 -10.25
N ARG A 151 -9.66 -18.55 -11.02
CA ARG A 151 -10.80 -17.80 -10.53
C ARG A 151 -11.94 -18.74 -10.12
N ALA A 152 -12.17 -19.77 -10.91
CA ALA A 152 -13.19 -20.79 -10.64
C ALA A 152 -12.93 -21.50 -9.30
N SER A 153 -11.66 -21.85 -9.02
CA SER A 153 -11.28 -22.47 -7.74
C SER A 153 -11.55 -21.59 -6.53
N LEU A 154 -11.12 -20.34 -6.59
CA LEU A 154 -11.35 -19.41 -5.50
C LEU A 154 -12.84 -19.26 -5.29
N SER A 155 -13.62 -19.28 -6.37
CA SER A 155 -15.07 -19.01 -6.26
C SER A 155 -15.78 -20.17 -5.52
N LYS A 156 -15.21 -21.36 -5.57
CA LYS A 156 -15.80 -22.49 -4.85
C LYS A 156 -15.65 -22.44 -3.32
N LEU A 157 -14.78 -21.58 -2.80
CA LEU A 157 -14.41 -21.59 -1.39
C LEU A 157 -15.41 -20.88 -0.47
N GLY A 158 -16.34 -20.16 -1.08
CA GLY A 158 -17.45 -19.57 -0.33
C GLY A 158 -18.74 -19.59 -1.14
N ASP A 159 -19.85 -19.23 -0.48
CA ASP A 159 -21.13 -19.02 -1.14
C ASP A 159 -21.39 -17.54 -1.51
N VAL A 160 -20.79 -16.66 -0.72
CA VAL A 160 -20.85 -15.23 -0.95
C VAL A 160 -19.44 -14.67 -0.79
N TYR A 161 -19.20 -13.49 -1.38
CA TYR A 161 -17.89 -12.87 -1.38
C TYR A 161 -17.90 -11.48 -0.80
N VAL A 162 -16.88 -11.24 0.03
CA VAL A 162 -16.66 -9.90 0.59
C VAL A 162 -15.27 -9.45 0.20
N ASN A 163 -15.17 -8.20 -0.21
CA ASN A 163 -13.85 -7.59 -0.42
C ASN A 163 -13.61 -6.49 0.62
N ASP A 164 -12.68 -6.76 1.52
CA ASP A 164 -12.29 -5.75 2.50
C ASP A 164 -10.86 -5.29 2.27
N ALA A 165 -10.31 -5.59 1.10
CA ALA A 165 -8.89 -5.34 0.81
C ALA A 165 -8.66 -3.95 0.25
N PHE A 166 -8.95 -2.92 1.04
CA PHE A 166 -8.72 -1.54 0.62
C PHE A 166 -7.29 -1.33 0.07
N GLY A 167 -6.28 -1.83 0.79
CA GLY A 167 -4.92 -1.62 0.35
C GLY A 167 -4.54 -2.21 -0.96
N THR A 168 -5.35 -3.14 -1.45
CA THR A 168 -5.13 -3.78 -2.75
C THR A 168 -6.18 -3.36 -3.78
N ALA A 169 -7.07 -2.41 -3.42
CA ALA A 169 -8.24 -2.15 -4.30
C ALA A 169 -7.91 -1.58 -5.65
N HIS A 170 -6.70 -1.01 -5.83
CA HIS A 170 -6.24 -0.52 -7.09
C HIS A 170 -5.80 -1.60 -8.08
N ARG A 171 -5.77 -2.84 -7.61
CA ARG A 171 -5.27 -3.93 -8.45
C ARG A 171 -6.40 -4.80 -9.02
N ALA A 172 -6.42 -4.92 -10.35
CA ALA A 172 -7.45 -5.69 -11.07
C ALA A 172 -6.96 -7.13 -11.19
N HIS A 173 -6.70 -7.72 -10.03
CA HIS A 173 -6.13 -9.07 -9.94
C HIS A 173 -7.25 -10.09 -9.71
N SER A 174 -6.96 -11.36 -9.95
CA SER A 174 -8.02 -12.39 -9.94
C SER A 174 -8.87 -12.42 -8.67
N SER A 175 -8.23 -12.38 -7.50
CA SER A 175 -8.98 -12.46 -6.23
C SER A 175 -9.76 -11.20 -5.98
N MET A 176 -9.45 -10.12 -6.70
CA MET A 176 -10.03 -8.78 -6.46
C MET A 176 -11.20 -8.45 -7.39
N VAL A 177 -11.16 -8.96 -8.62
CA VAL A 177 -12.16 -8.69 -9.67
C VAL A 177 -12.75 -9.93 -10.34
N GLY A 178 -12.21 -11.12 -10.04
CA GLY A 178 -12.55 -12.30 -10.78
C GLY A 178 -13.30 -13.39 -10.03
N VAL A 179 -13.77 -13.12 -8.83
CA VAL A 179 -14.56 -14.13 -8.11
C VAL A 179 -15.97 -14.10 -8.65
N ASN A 180 -16.51 -15.26 -8.96
CA ASN A 180 -17.84 -15.41 -9.57
C ASN A 180 -18.77 -16.07 -8.58
N LEU A 181 -19.43 -15.22 -7.79
CA LEU A 181 -20.51 -15.64 -6.92
C LEU A 181 -21.60 -14.58 -7.06
N PRO A 182 -22.86 -14.91 -6.78
CA PRO A 182 -23.99 -13.97 -6.95
C PRO A 182 -23.89 -12.67 -6.17
N GLN A 183 -23.38 -12.72 -4.94
CA GLN A 183 -23.29 -11.53 -4.14
C GLN A 183 -21.84 -11.27 -3.82
N LYS A 184 -21.36 -10.08 -4.22
CA LYS A 184 -20.01 -9.64 -3.97
C LYS A 184 -20.09 -8.28 -3.25
N ALA A 185 -19.77 -8.26 -1.95
CA ALA A 185 -20.05 -7.13 -1.09
C ALA A 185 -18.78 -6.44 -0.62
N GLY A 186 -18.83 -5.11 -0.52
CA GLY A 186 -17.76 -4.39 0.12
C GLY A 186 -17.80 -4.55 1.62
N GLY A 187 -16.63 -4.75 2.21
CA GLY A 187 -16.56 -4.86 3.62
C GLY A 187 -16.50 -3.53 4.37
N PHE A 188 -16.39 -3.56 5.70
CA PHE A 188 -16.45 -2.32 6.51
C PHE A 188 -15.18 -1.46 6.44
N LEU A 189 -14.02 -2.09 6.23
CA LEU A 189 -12.78 -1.33 6.02
C LEU A 189 -12.82 -0.62 4.66
N MET A 190 -13.28 -1.33 3.64
CA MET A 190 -13.41 -0.73 2.33
C MET A 190 -14.32 0.49 2.43
N LYS A 191 -15.46 0.32 3.09
CA LYS A 191 -16.40 1.44 3.28
C LYS A 191 -15.80 2.60 4.08
N LYS A 192 -15.14 2.27 5.20
CA LYS A 192 -14.52 3.29 6.06
C LYS A 192 -13.50 4.12 5.32
N GLU A 193 -12.61 3.47 4.58
CA GLU A 193 -11.55 4.18 3.89
C GLU A 193 -12.15 4.99 2.75
N LEU A 194 -13.01 4.41 1.93
CA LEU A 194 -13.56 5.18 0.80
C LEU A 194 -14.34 6.39 1.28
N ASN A 195 -15.06 6.24 2.39
CA ASN A 195 -15.82 7.36 2.94
C ASN A 195 -14.89 8.45 3.43
N TYR A 196 -13.79 8.11 4.08
CA TYR A 196 -12.88 9.12 4.56
C TYR A 196 -12.33 9.93 3.39
N PHE A 197 -11.87 9.21 2.37
CA PHE A 197 -11.27 9.89 1.23
C PHE A 197 -12.29 10.66 0.40
N ALA A 198 -13.52 10.18 0.34
CA ALA A 198 -14.55 10.89 -0.43
C ALA A 198 -14.69 12.29 0.17
N LYS A 199 -14.75 12.37 1.50
CA LYS A 199 -14.93 13.62 2.18
C LYS A 199 -13.67 14.49 2.07
N ALA A 200 -12.48 13.88 2.23
CA ALA A 200 -11.21 14.59 2.29
C ALA A 200 -10.79 15.14 0.94
N LEU A 201 -11.23 14.49 -0.14
CA LEU A 201 -10.81 14.85 -1.50
C LEU A 201 -11.85 15.68 -2.22
N GLU A 202 -13.02 15.86 -1.63
CA GLU A 202 -14.10 16.57 -2.32
C GLU A 202 -13.73 18.05 -2.54
N SER A 203 -13.25 18.70 -1.49
CA SER A 203 -12.83 20.10 -1.62
C SER A 203 -11.63 20.27 -0.71
N PRO A 204 -10.47 19.77 -1.14
CA PRO A 204 -9.28 19.76 -0.28
C PRO A 204 -8.94 21.16 0.21
N GLU A 205 -8.33 21.25 1.39
CA GLU A 205 -7.79 22.49 1.87
C GLU A 205 -6.53 22.73 1.06
N ARG A 206 -6.24 23.99 0.76
CA ARG A 206 -5.13 24.28 -0.14
C ARG A 206 -4.19 25.33 0.46
N PRO A 207 -2.87 25.23 0.17
CA PRO A 207 -2.25 24.30 -0.75
C PRO A 207 -2.35 22.85 -0.32
N PHE A 208 -2.57 21.99 -1.30
CA PHE A 208 -2.69 20.54 -1.09
C PHE A 208 -1.36 19.94 -1.58
N LEU A 209 -0.63 19.32 -0.65
CA LEU A 209 0.69 18.74 -0.88
C LEU A 209 0.60 17.23 -0.93
N ALA A 210 1.17 16.60 -1.97
CA ALA A 210 1.36 15.15 -2.04
C ALA A 210 2.82 14.90 -1.75
N ILE A 211 3.07 13.98 -0.82
CA ILE A 211 4.43 13.50 -0.53
C ILE A 211 4.55 12.09 -1.04
N LEU A 212 5.44 11.90 -2.02
CA LEU A 212 5.63 10.65 -2.70
C LEU A 212 7.03 10.17 -2.45
N GLY A 213 7.14 8.98 -1.92
CA GLY A 213 8.44 8.40 -1.67
C GLY A 213 8.41 6.90 -1.88
N GLY A 214 9.15 6.16 -1.07
CA GLY A 214 9.07 4.71 -1.10
C GLY A 214 9.97 4.04 -2.10
N ALA A 215 9.62 2.81 -2.40
CA ALA A 215 10.42 1.91 -3.21
C ALA A 215 9.75 1.38 -4.45
N LYS A 216 8.43 1.55 -4.61
CA LYS A 216 7.71 1.05 -5.77
C LYS A 216 7.72 2.14 -6.85
N VAL A 217 8.91 2.39 -7.39
CA VAL A 217 9.15 3.60 -8.16
C VAL A 217 8.41 3.57 -9.49
N ALA A 218 8.46 2.43 -10.16
CA ALA A 218 7.86 2.31 -11.48
C ALA A 218 6.36 2.62 -11.36
N ASP A 219 5.72 1.98 -10.39
CA ASP A 219 4.29 2.27 -10.23
C ASP A 219 4.01 3.70 -9.82
N ALA A 220 4.80 4.22 -8.89
CA ALA A 220 4.55 5.55 -8.35
C ALA A 220 4.71 6.63 -9.39
N ILE A 221 5.70 6.50 -10.26
CA ILE A 221 5.95 7.55 -11.26
C ILE A 221 4.77 7.61 -12.25
N GLN A 222 4.14 6.47 -12.52
CA GLN A 222 3.00 6.43 -13.40
C GLN A 222 1.74 7.13 -12.85
N LEU A 223 1.72 7.41 -11.56
CA LEU A 223 0.58 8.10 -10.92
C LEU A 223 0.70 9.62 -10.98
N ILE A 224 1.90 10.12 -11.30
CA ILE A 224 2.16 11.54 -11.16
C ILE A 224 1.36 12.39 -12.14
N ASN A 225 1.26 11.95 -13.40
CA ASN A 225 0.59 12.67 -14.44
C ASN A 225 -0.81 13.12 -14.01
N ASN A 226 -1.60 12.19 -13.52
CA ASN A 226 -2.99 12.53 -13.13
C ASN A 226 -3.01 13.26 -11.78
N MET A 227 -2.06 12.98 -10.91
CA MET A 227 -2.02 13.66 -9.61
CA MET A 227 -1.98 13.68 -9.63
C MET A 227 -1.70 15.15 -9.78
N LEU A 228 -0.96 15.52 -10.83
CA LEU A 228 -0.64 16.91 -11.09
C LEU A 228 -1.84 17.77 -11.42
N ASP A 229 -2.99 17.17 -11.69
CA ASP A 229 -4.22 17.91 -11.88
C ASP A 229 -4.98 18.16 -10.60
N LYS A 230 -4.50 17.58 -9.49
CA LYS A 230 -5.25 17.63 -8.24
C LYS A 230 -4.54 18.41 -7.10
N VAL A 231 -3.21 18.43 -7.11
CA VAL A 231 -2.46 18.96 -5.98
C VAL A 231 -1.84 20.28 -6.35
N ASN A 232 -1.34 20.99 -5.35
CA ASN A 232 -0.65 22.27 -5.56
C ASN A 232 0.86 22.18 -5.37
N GLU A 233 1.32 21.16 -4.68
CA GLU A 233 2.73 20.90 -4.44
C GLU A 233 2.98 19.41 -4.36
N MET A 234 4.20 18.98 -4.70
CA MET A 234 4.58 17.59 -4.59
CA MET A 234 4.60 17.55 -4.61
C MET A 234 6.01 17.49 -4.11
N ILE A 235 6.22 16.73 -3.05
CA ILE A 235 7.57 16.24 -2.68
C ILE A 235 7.75 14.91 -3.38
N ILE A 236 8.87 14.77 -4.10
CA ILE A 236 9.24 13.51 -4.75
C ILE A 236 10.55 13.06 -4.06
N GLY A 237 10.44 12.05 -3.19
CA GLY A 237 11.50 11.68 -2.28
C GLY A 237 11.68 10.17 -2.29
N GLY A 238 12.39 9.68 -1.29
CA GLY A 238 12.65 8.25 -1.21
C GLY A 238 13.31 7.71 -2.45
N GLY A 239 12.98 6.49 -2.80
CA GLY A 239 13.56 5.83 -3.96
C GLY A 239 13.19 6.49 -5.29
N MET A 240 12.10 7.27 -5.33
CA MET A 240 11.65 7.88 -6.57
CA MET A 240 11.64 7.89 -6.57
C MET A 240 12.55 9.00 -7.08
N ALA A 241 13.24 9.68 -6.17
CA ALA A 241 13.95 10.92 -6.51
C ALA A 241 15.05 10.66 -7.52
N PHE A 242 15.68 9.49 -7.44
CA PHE A 242 16.89 9.29 -8.23
C PHE A 242 16.66 9.29 -9.72
N THR A 243 15.51 8.77 -10.14
CA THR A 243 15.14 8.76 -11.55
C THR A 243 15.01 10.22 -12.05
N PHE A 244 14.37 11.07 -11.26
CA PHE A 244 14.25 12.47 -11.60
C PHE A 244 15.59 13.18 -11.65
N LEU A 245 16.44 12.96 -10.64
CA LEU A 245 17.71 13.67 -10.58
C LEU A 245 18.68 13.24 -11.66
N LYS A 246 18.68 11.93 -11.98
CA LYS A 246 19.53 11.49 -13.09
C LYS A 246 19.16 12.20 -14.38
N VAL A 247 17.86 12.28 -14.67
CA VAL A 247 17.42 12.85 -15.90
C VAL A 247 17.59 14.38 -15.93
N LEU A 248 17.14 15.04 -14.85
CA LEU A 248 17.13 16.53 -14.84
C LEU A 248 18.49 17.17 -14.57
N ASN A 249 19.22 16.56 -13.64
CA ASN A 249 20.50 17.11 -13.18
C ASN A 249 21.70 16.37 -13.69
N ASN A 250 21.49 15.31 -14.48
CA ASN A 250 22.64 14.47 -14.92
C ASN A 250 23.43 13.95 -13.73
N MET A 251 22.71 13.73 -12.62
CA MET A 251 23.38 13.33 -11.37
C MET A 251 23.78 11.86 -11.46
N GLU A 252 25.00 11.55 -11.05
CA GLU A 252 25.40 10.17 -10.80
C GLU A 252 24.65 9.64 -9.58
N ILE A 253 24.05 8.47 -9.72
CA ILE A 253 23.16 7.92 -8.66
C ILE A 253 23.61 6.54 -8.17
N GLY A 254 24.75 6.06 -8.63
CA GLY A 254 25.31 4.79 -8.22
C GLY A 254 24.32 3.65 -8.38
N THR A 255 24.15 2.85 -7.32
CA THR A 255 23.26 1.69 -7.35
C THR A 255 21.88 2.01 -6.74
N SER A 256 21.51 3.31 -6.65
CA SER A 256 20.22 3.72 -6.12
C SER A 256 19.10 3.22 -7.06
N LEU A 257 17.91 3.08 -6.52
CA LEU A 257 16.77 2.67 -7.33
C LEU A 257 16.62 3.62 -8.51
N PHE A 258 16.27 3.03 -9.64
CA PHE A 258 16.13 3.76 -10.91
C PHE A 258 15.09 3.05 -11.78
N ASP A 259 14.23 3.83 -12.43
CA ASP A 259 13.14 3.34 -13.28
CA ASP A 259 13.16 3.33 -13.28
C ASP A 259 13.38 3.81 -14.69
N GLU A 260 13.90 2.93 -15.53
CA GLU A 260 14.21 3.24 -16.92
C GLU A 260 12.99 3.74 -17.70
N GLU A 261 11.81 3.23 -17.37
CA GLU A 261 10.60 3.59 -18.10
C GLU A 261 10.12 4.97 -17.69
N GLY A 262 10.04 5.20 -16.39
CA GLY A 262 9.64 6.48 -15.80
C GLY A 262 10.59 7.58 -16.20
N ALA A 263 11.88 7.26 -16.39
CA ALA A 263 12.86 8.27 -16.81
C ALA A 263 12.45 8.94 -18.11
N LYS A 264 11.85 8.18 -19.02
CA LYS A 264 11.41 8.66 -20.32
C LYS A 264 10.32 9.72 -20.25
N ILE A 265 9.61 9.82 -19.14
CA ILE A 265 8.56 10.86 -18.96
C ILE A 265 8.84 11.92 -17.93
N VAL A 266 10.00 11.88 -17.26
CA VAL A 266 10.34 12.89 -16.28
C VAL A 266 10.24 14.32 -16.80
N LYS A 267 10.81 14.60 -17.93
CA LYS A 267 10.74 15.98 -18.41
C LYS A 267 9.31 16.40 -18.74
N ASP A 268 8.53 15.49 -19.32
CA ASP A 268 7.11 15.81 -19.59
C ASP A 268 6.38 16.09 -18.27
N LEU A 269 6.63 15.29 -17.24
CA LEU A 269 5.97 15.49 -15.93
C LEU A 269 6.36 16.86 -15.37
N MET A 270 7.64 17.23 -15.47
CA MET A 270 8.07 18.55 -14.94
C MET A 270 7.43 19.70 -15.73
N SER A 271 7.28 19.52 -17.05
CA SER A 271 6.59 20.47 -17.93
C SER A 271 5.13 20.66 -17.51
N LYS A 272 4.48 19.54 -17.19
CA LYS A 272 3.08 19.58 -16.77
C LYS A 272 2.96 20.22 -15.40
N ALA A 273 3.92 19.97 -14.49
CA ALA A 273 3.90 20.61 -13.16
C ALA A 273 4.01 22.11 -13.33
N GLU A 274 4.86 22.56 -14.25
CA GLU A 274 5.01 23.99 -14.48
C GLU A 274 3.72 24.60 -15.03
N LYS A 275 3.13 23.94 -16.02
CA LYS A 275 1.87 24.36 -16.63
C LYS A 275 0.72 24.48 -15.60
N ASN A 276 0.71 23.55 -14.66
CA ASN A 276 -0.37 23.52 -13.65
C ASN A 276 -0.04 24.26 -12.36
N GLY A 277 1.15 24.84 -12.26
CA GLY A 277 1.57 25.63 -11.11
C GLY A 277 1.79 24.78 -9.87
N VAL A 278 2.28 23.57 -10.10
CA VAL A 278 2.61 22.66 -9.00
C VAL A 278 4.09 22.72 -8.68
N LYS A 279 4.45 23.17 -7.48
CA LYS A 279 5.84 23.24 -7.02
C LYS A 279 6.34 21.86 -6.68
N ILE A 280 7.42 21.44 -7.33
CA ILE A 280 8.06 20.15 -7.13
C ILE A 280 9.29 20.32 -6.25
N THR A 281 9.32 19.59 -5.14
CA THR A 281 10.46 19.58 -4.21
C THR A 281 11.15 18.21 -4.28
N LEU A 282 12.35 18.19 -4.83
CA LEU A 282 13.23 17.05 -4.86
C LEU A 282 14.33 17.23 -3.81
N PRO A 283 14.90 16.13 -3.37
CA PRO A 283 16.01 16.25 -2.40
C PRO A 283 17.25 16.80 -3.05
N VAL A 284 18.14 17.34 -2.22
CA VAL A 284 19.38 17.92 -2.65
C VAL A 284 20.59 17.27 -1.99
N ASP A 285 20.37 16.37 -1.06
CA ASP A 285 21.50 15.70 -0.36
C ASP A 285 21.02 14.37 0.17
N PHE A 286 21.96 13.50 0.55
CA PHE A 286 21.68 12.07 0.76
C PHE A 286 22.58 11.44 1.81
N VAL A 287 22.06 10.38 2.45
CA VAL A 287 22.87 9.45 3.22
C VAL A 287 23.05 8.25 2.31
N THR A 288 24.28 7.85 2.06
CA THR A 288 24.58 6.77 1.14
C THR A 288 25.02 5.51 1.87
N ALA A 289 24.97 4.38 1.19
CA ALA A 289 25.29 3.08 1.76
C ALA A 289 26.09 2.32 0.69
N ASP A 290 27.05 1.53 1.13
CA ASP A 290 27.84 0.73 0.20
C ASP A 290 27.17 -0.59 -0.21
N LYS A 291 26.02 -0.91 0.38
CA LYS A 291 25.24 -2.10 0.02
C LYS A 291 23.88 -1.94 0.68
N PHE A 292 22.90 -2.72 0.21
CA PHE A 292 21.57 -2.68 0.76
C PHE A 292 21.48 -3.59 2.01
N ASP A 293 21.94 -3.04 3.12
CA ASP A 293 22.07 -3.78 4.37
C ASP A 293 21.98 -2.79 5.54
N GLU A 294 21.29 -3.20 6.58
CA GLU A 294 21.21 -2.43 7.80
C GLU A 294 22.59 -1.96 8.32
N ASN A 295 23.61 -2.80 8.15
CA ASN A 295 24.97 -2.50 8.65
C ASN A 295 25.98 -2.11 7.57
N ALA A 296 25.44 -1.53 6.50
CA ALA A 296 26.27 -0.98 5.45
C ALA A 296 27.16 0.13 6.00
N LYS A 297 28.33 0.30 5.40
CA LYS A 297 29.10 1.53 5.59
C LYS A 297 28.33 2.66 4.96
N THR A 298 28.39 3.84 5.58
CA THR A 298 27.57 4.94 5.16
C THR A 298 28.43 6.13 4.78
N GLY A 299 27.85 7.00 3.97
CA GLY A 299 28.51 8.22 3.56
C GLY A 299 27.49 9.33 3.35
N GLN A 300 27.96 10.42 2.75
CA GLN A 300 27.09 11.54 2.42
CA GLN A 300 27.17 11.61 2.46
C GLN A 300 27.36 11.99 0.98
N ALA A 301 26.33 12.57 0.35
CA ALA A 301 26.44 13.07 -1.01
C ALA A 301 25.46 14.18 -1.22
N THR A 302 25.75 15.02 -2.21
CA THR A 302 24.81 16.07 -2.63
C THR A 302 24.50 15.83 -4.10
N VAL A 303 23.50 16.53 -4.62
CA VAL A 303 23.22 16.41 -6.06
C VAL A 303 24.44 16.83 -6.86
N ALA A 304 25.11 17.90 -6.43
CA ALA A 304 26.29 18.39 -7.11
C ALA A 304 27.46 17.41 -7.04
N SER A 305 27.66 16.70 -5.93
CA SER A 305 28.76 15.76 -5.86
C SER A 305 28.45 14.47 -6.59
N GLY A 306 27.17 14.13 -6.69
CA GLY A 306 26.78 12.81 -7.13
C GLY A 306 27.03 11.77 -6.06
N ILE A 307 26.51 10.57 -6.31
CA ILE A 307 26.73 9.41 -5.45
C ILE A 307 27.78 8.53 -6.12
N PRO A 308 28.79 8.07 -5.37
CA PRO A 308 29.84 7.24 -5.95
C PRO A 308 29.34 5.93 -6.53
N ALA A 309 30.03 5.47 -7.56
CA ALA A 309 29.78 4.17 -8.14
C ALA A 309 29.79 3.11 -7.05
N GLY A 310 28.81 2.24 -7.10
CA GLY A 310 28.68 1.11 -6.15
C GLY A 310 28.02 1.48 -4.83
N TRP A 311 27.61 2.73 -4.66
CA TRP A 311 26.90 3.22 -3.46
C TRP A 311 25.46 3.63 -3.82
N MET A 312 24.57 3.55 -2.85
CA MET A 312 23.16 3.86 -3.06
C MET A 312 22.67 4.91 -2.07
N GLY A 313 21.78 5.78 -2.49
CA GLY A 313 21.17 6.74 -1.60
C GLY A 313 20.01 6.07 -0.90
N LEU A 314 20.09 5.97 0.42
CA LEU A 314 19.03 5.32 1.21
C LEU A 314 18.29 6.25 2.17
N ASP A 315 18.73 7.51 2.27
CA ASP A 315 17.97 8.54 2.97
C ASP A 315 18.30 9.88 2.33
N CYS A 316 17.45 10.87 2.58
CA CYS A 316 17.81 12.25 2.23
CA CYS A 316 17.86 12.23 2.20
C CYS A 316 18.72 12.76 3.33
N GLY A 317 19.29 13.95 3.14
CA GLY A 317 20.15 14.57 4.12
C GLY A 317 19.49 15.78 4.76
N PRO A 318 20.24 16.55 5.54
CA PRO A 318 19.64 17.63 6.31
C PRO A 318 19.12 18.77 5.44
N GLU A 319 19.78 19.06 4.32
CA GLU A 319 19.34 20.21 3.52
C GLU A 319 18.04 19.83 2.81
N SER A 320 17.90 18.56 2.47
CA SER A 320 16.63 18.09 1.91
C SER A 320 15.52 18.19 2.95
N SER A 321 15.81 17.75 4.17
CA SER A 321 14.81 17.86 5.24
C SER A 321 14.30 19.27 5.40
N LYS A 322 15.18 20.26 5.27
CA LYS A 322 14.79 21.64 5.39
C LYS A 322 13.81 22.02 4.27
N LYS A 323 14.12 21.62 3.04
CA LYS A 323 13.22 21.90 1.90
C LYS A 323 11.86 21.18 2.03
N TYR A 324 11.87 19.96 2.49
CA TYR A 324 10.63 19.25 2.74
C TYR A 324 9.79 19.94 3.81
N ALA A 325 10.45 20.40 4.87
CA ALA A 325 9.76 21.12 5.95
C ALA A 325 9.12 22.40 5.44
N GLU A 326 9.81 23.11 4.55
CA GLU A 326 9.26 24.32 3.96
C GLU A 326 7.92 24.05 3.20
N ALA A 327 7.87 22.96 2.45
CA ALA A 327 6.64 22.57 1.76
C ALA A 327 5.53 22.19 2.75
N VAL A 328 5.89 21.46 3.80
CA VAL A 328 4.92 21.10 4.85
C VAL A 328 4.37 22.31 5.57
N THR A 329 5.20 23.31 5.81
CA THR A 329 4.73 24.55 6.43
C THR A 329 3.68 25.29 5.59
N ARG A 330 3.84 25.26 4.27
CA ARG A 330 2.90 25.87 3.33
C ARG A 330 1.57 25.13 3.20
N ALA A 331 1.58 23.82 3.51
CA ALA A 331 0.43 22.95 3.27
C ALA A 331 -0.70 23.15 4.22
N LYS A 332 -1.91 23.08 3.69
CA LYS A 332 -3.15 22.97 4.51
C LYS A 332 -3.76 21.58 4.45
N GLN A 333 -3.34 20.76 3.49
CA GLN A 333 -3.70 19.36 3.47
C GLN A 333 -2.54 18.57 2.83
N ILE A 334 -2.29 17.37 3.35
CA ILE A 334 -1.14 16.53 2.94
C ILE A 334 -1.63 15.13 2.75
N VAL A 335 -1.23 14.48 1.66
CA VAL A 335 -1.36 13.02 1.53
C VAL A 335 0.05 12.49 1.26
N TRP A 336 0.48 11.52 2.08
CA TRP A 336 1.84 11.02 2.09
C TRP A 336 1.80 9.50 1.92
N ASN A 337 2.39 8.99 0.85
CA ASN A 337 2.65 7.57 0.66
C ASN A 337 4.12 7.41 0.28
N GLY A 338 4.85 6.68 1.10
CA GLY A 338 6.21 6.28 0.79
C GLY A 338 7.22 7.03 1.67
N PRO A 339 7.90 6.32 2.58
CA PRO A 339 8.95 6.97 3.38
C PRO A 339 10.02 7.60 2.53
N VAL A 340 10.67 8.64 3.04
CA VAL A 340 11.72 9.32 2.29
C VAL A 340 13.12 8.71 2.50
N GLY A 341 13.20 7.57 3.18
CA GLY A 341 14.41 6.76 3.21
C GLY A 341 14.08 5.43 3.79
N VAL A 342 15.08 4.58 3.99
CA VAL A 342 14.91 3.21 4.49
C VAL A 342 14.79 3.29 5.99
N PHE A 343 13.62 3.71 6.43
CA PHE A 343 13.43 4.10 7.82
C PHE A 343 13.47 2.90 8.78
N GLU A 344 13.34 1.68 8.25
CA GLU A 344 13.42 0.46 9.03
C GLU A 344 14.81 0.23 9.62
N TRP A 345 15.83 0.88 9.01
CA TRP A 345 17.21 0.77 9.43
C TRP A 345 17.64 2.09 9.99
N GLU A 346 18.10 2.11 11.26
CA GLU A 346 18.34 3.42 11.90
C GLU A 346 19.28 4.36 11.18
N ALA A 347 20.29 3.82 10.49
CA ALA A 347 21.22 4.66 9.73
C ALA A 347 20.56 5.51 8.67
N PHE A 348 19.36 5.10 8.22
CA PHE A 348 18.68 5.72 7.11
C PHE A 348 17.29 6.18 7.50
N ALA A 349 17.07 6.41 8.79
CA ALA A 349 15.76 6.78 9.29
C ALA A 349 15.58 8.28 9.59
N ARG A 350 16.67 9.05 9.66
CA ARG A 350 16.56 10.43 10.13
C ARG A 350 15.65 11.30 9.25
N GLY A 351 15.74 11.16 7.94
CA GLY A 351 14.91 11.96 7.02
C GLY A 351 13.43 11.73 7.21
N THR A 352 13.07 10.48 7.39
CA THR A 352 11.65 10.15 7.58
C THR A 352 11.16 10.61 8.92
N LYS A 353 12.00 10.42 9.95
CA LYS A 353 11.64 10.91 11.28
C LYS A 353 11.42 12.42 11.27
N ALA A 354 12.32 13.14 10.62
CA ALA A 354 12.25 14.62 10.62
C ALA A 354 10.96 15.06 9.90
N LEU A 355 10.66 14.40 8.81
CA LEU A 355 9.44 14.71 8.04
C LEU A 355 8.20 14.38 8.85
N MET A 356 8.20 13.24 9.53
CA MET A 356 7.10 12.93 10.45
C MET A 356 6.91 14.03 11.48
N ASP A 357 8.01 14.49 12.10
CA ASP A 357 7.94 15.58 13.08
C ASP A 357 7.24 16.81 12.47
N GLU A 358 7.60 17.17 11.24
CA GLU A 358 6.98 18.33 10.57
C GLU A 358 5.47 18.10 10.31
N VAL A 359 5.13 16.88 9.92
CA VAL A 359 3.74 16.57 9.58
C VAL A 359 2.89 16.56 10.85
N VAL A 360 3.46 16.14 11.98
CA VAL A 360 2.73 16.15 13.26
C VAL A 360 2.56 17.59 13.71
N LYS A 361 3.61 18.39 13.61
CA LYS A 361 3.51 19.83 13.91
C LYS A 361 2.43 20.54 13.06
N ALA A 362 2.41 20.22 11.76
CA ALA A 362 1.38 20.75 10.83
C ALA A 362 -0.03 20.40 11.27
N THR A 363 -0.27 19.14 11.65
CA THR A 363 -1.56 18.72 12.14
C THR A 363 -1.98 19.58 13.32
N SER A 364 -1.02 19.91 14.20
CA SER A 364 -1.38 20.65 15.42
C SER A 364 -1.81 22.10 15.18
N ARG A 365 -1.42 22.67 14.05
CA ARG A 365 -1.89 24.00 13.62
C ARG A 365 -3.03 23.92 12.59
N GLY A 366 -3.63 22.74 12.38
CA GLY A 366 -4.88 22.63 11.60
C GLY A 366 -4.74 22.05 10.19
N CYS A 367 -3.55 21.59 9.84
CA CYS A 367 -3.38 20.87 8.57
C CYS A 367 -4.10 19.53 8.62
N ILE A 368 -4.74 19.19 7.51
CA ILE A 368 -5.32 17.88 7.38
C ILE A 368 -4.24 16.99 6.85
N THR A 369 -3.87 15.95 7.61
CA THR A 369 -2.70 15.10 7.27
C THR A 369 -3.11 13.65 7.17
N ILE A 370 -2.83 13.04 6.01
CA ILE A 370 -3.20 11.67 5.68
C ILE A 370 -1.97 10.90 5.31
N ILE A 371 -1.69 9.84 6.04
CA ILE A 371 -0.54 9.00 5.81
C ILE A 371 -1.06 7.62 5.47
N GLY A 372 -0.54 7.01 4.41
CA GLY A 372 -1.09 5.70 4.00
C GLY A 372 -0.09 4.78 3.41
N GLY A 373 -0.34 3.48 3.62
CA GLY A 373 0.49 2.43 3.05
C GLY A 373 1.00 1.48 4.16
N GLY A 374 1.35 0.26 3.77
CA GLY A 374 1.77 -0.77 4.72
C GLY A 374 3.01 -0.34 5.47
N ASP A 375 3.98 0.17 4.71
CA ASP A 375 5.27 0.60 5.26
C ASP A 375 5.17 2.03 5.83
N THR A 376 4.49 2.93 5.13
CA THR A 376 4.42 4.31 5.58
C THR A 376 3.65 4.41 6.87
N ALA A 377 2.58 3.63 7.02
CA ALA A 377 1.85 3.60 8.29
C ALA A 377 2.71 3.07 9.44
N THR A 378 3.66 2.20 9.13
CA THR A 378 4.60 1.66 10.12
C THR A 378 5.52 2.74 10.65
N CYS A 379 5.77 3.79 9.88
CA CYS A 379 6.46 4.98 10.43
C CYS A 379 5.67 5.60 11.59
N CYS A 380 4.36 5.71 11.45
CA CYS A 380 3.50 6.17 12.55
C CYS A 380 3.55 5.26 13.76
N ALA A 381 3.55 3.96 13.54
CA ALA A 381 3.66 3.03 14.67
C ALA A 381 5.02 3.16 15.37
N LYS A 382 6.11 3.27 14.58
CA LYS A 382 7.47 3.32 15.13
C LYS A 382 7.70 4.54 16.01
N TRP A 383 7.15 5.69 15.58
CA TRP A 383 7.39 6.93 16.26
C TRP A 383 6.19 7.42 17.07
N ASN A 384 5.19 6.55 17.20
CA ASN A 384 4.02 6.78 18.05
C ASN A 384 3.26 8.04 17.64
N THR A 385 2.97 8.13 16.33
CA THR A 385 2.23 9.28 15.81
C THR A 385 0.90 8.91 15.17
N GLU A 386 0.40 7.70 15.39
CA GLU A 386 -0.86 7.28 14.77
C GLU A 386 -2.04 8.17 15.15
N ASP A 387 -2.06 8.70 16.37
CA ASP A 387 -3.17 9.58 16.77
C ASP A 387 -2.76 11.06 16.74
N LYS A 388 -1.63 11.38 16.09
CA LYS A 388 -1.13 12.75 15.97
C LYS A 388 -1.17 13.32 14.54
N VAL A 389 -1.73 12.52 13.63
CA VAL A 389 -2.02 12.93 12.25
C VAL A 389 -3.52 12.74 12.05
N SER A 390 -4.09 13.31 10.99
CA SER A 390 -5.55 13.21 10.82
C SER A 390 -6.08 11.79 10.52
N HIS A 391 -5.39 11.07 9.65
CA HIS A 391 -5.83 9.76 9.24
C HIS A 391 -4.63 8.94 8.84
N VAL A 392 -4.58 7.72 9.34
CA VAL A 392 -3.60 6.72 8.92
C VAL A 392 -4.37 5.64 8.15
N SER A 393 -4.06 5.50 6.88
CA SER A 393 -4.79 4.59 5.98
C SER A 393 -4.04 3.30 5.75
N THR A 394 -4.82 2.23 5.65
CA THR A 394 -4.29 0.93 5.22
C THR A 394 -3.92 0.92 3.73
N GLY A 395 -4.34 1.94 2.98
CA GLY A 395 -3.97 2.03 1.58
C GLY A 395 -2.99 3.14 1.35
N GLY A 396 -2.01 2.81 0.52
CA GLY A 396 -0.98 3.77 0.10
C GLY A 396 -1.12 4.05 -1.38
N GLY A 397 -0.59 3.14 -2.22
CA GLY A 397 -0.89 3.18 -3.66
C GLY A 397 -2.37 3.27 -3.96
N ALA A 398 -3.18 2.52 -3.22
CA ALA A 398 -4.61 2.55 -3.46
C ALA A 398 -5.18 3.97 -3.18
N SER A 399 -4.68 4.61 -2.15
CA SER A 399 -5.08 5.96 -1.81
C SER A 399 -4.64 6.97 -2.86
N LEU A 400 -3.44 6.83 -3.41
CA LEU A 400 -2.96 7.73 -4.47
C LEU A 400 -3.83 7.59 -5.73
N GLU A 401 -4.27 6.36 -6.01
CA GLU A 401 -5.16 6.12 -7.12
C GLU A 401 -6.51 6.84 -6.91
N LEU A 402 -7.05 6.89 -5.67
CA LEU A 402 -8.25 7.69 -5.35
C LEU A 402 -7.96 9.17 -5.55
N LEU A 403 -6.78 9.60 -5.19
CA LEU A 403 -6.37 10.99 -5.37
C LEU A 403 -6.38 11.36 -6.86
N GLU A 404 -5.94 10.45 -7.72
CA GLU A 404 -6.03 10.63 -9.18
C GLU A 404 -7.47 10.84 -9.67
N GLY A 405 -8.48 10.43 -8.88
CA GLY A 405 -9.90 10.50 -9.30
C GLY A 405 -10.57 9.26 -9.90
N LYS A 406 -9.96 8.10 -9.72
CA LYS A 406 -10.41 6.86 -10.33
C LYS A 406 -11.40 6.12 -9.43
N VAL A 407 -12.22 5.29 -10.05
CA VAL A 407 -12.92 4.19 -9.39
C VAL A 407 -11.96 3.01 -9.31
N LEU A 408 -11.69 2.53 -8.10
CA LEU A 408 -10.76 1.42 -7.95
C LEU A 408 -11.35 0.12 -8.50
N PRO A 409 -10.55 -0.71 -9.21
CA PRO A 409 -11.09 -1.95 -9.72
C PRO A 409 -11.77 -2.85 -8.72
N GLY A 410 -11.18 -2.97 -7.53
CA GLY A 410 -11.80 -3.85 -6.50
C GLY A 410 -13.17 -3.36 -6.05
N VAL A 411 -13.41 -2.05 -6.15
CA VAL A 411 -14.74 -1.52 -5.87
C VAL A 411 -15.66 -1.72 -7.08
N ASP A 412 -15.16 -1.39 -8.25
CA ASP A 412 -15.96 -1.54 -9.49
C ASP A 412 -16.56 -2.95 -9.66
N ALA A 413 -15.83 -3.99 -9.23
CA ALA A 413 -16.21 -5.38 -9.40
C ALA A 413 -17.27 -5.87 -8.39
N LEU A 414 -17.57 -5.03 -7.39
CA LEU A 414 -18.61 -5.42 -6.43
C LEU A 414 -19.97 -5.43 -7.09
N SER A 415 -20.91 -6.18 -6.48
CA SER A 415 -22.28 -6.24 -6.96
C SER A 415 -22.95 -4.87 -6.91
N ASN A 416 -23.72 -4.54 -7.96
CA ASN A 416 -24.52 -3.32 -7.91
C ASN A 416 -25.76 -3.56 -7.08
N ILE A 417 -26.20 -2.54 -6.37
CA ILE A 417 -27.52 -2.59 -5.72
C ILE A 417 -28.58 -2.42 -6.82
MG MG B . 4.86 -1.13 0.97
CL CL C . 6.82 -0.59 -8.75
AL AF3 D . 1.87 0.17 -0.47
F1 AF3 D . 3.35 -0.86 -0.34
F2 AF3 D . 1.31 -0.31 1.15
F3 AF3 D . 0.39 1.14 -0.67
PB ADP E . 3.90 1.82 1.27
O1B ADP E . 4.21 0.51 1.92
O2B ADP E . 3.51 2.91 2.23
O3B ADP E . 2.85 1.69 0.16
PA ADP E . 6.17 1.49 -0.50
O1A ADP E . 6.03 0.01 -0.30
O2A ADP E . 6.01 2.02 -1.88
O3A ADP E . 5.25 2.29 0.49
O5' ADP E . 7.65 1.93 -0.05
C5' ADP E . 8.09 1.63 1.27
C4' ADP E . 9.54 1.23 1.25
O4' ADP E . 10.32 2.27 0.65
C3' ADP E . 10.11 1.11 2.68
O3' ADP E . 10.22 -0.26 2.99
C2' ADP E . 11.44 1.91 2.61
O2' ADP E . 12.55 1.18 3.17
C1' ADP E . 11.63 2.11 1.14
N9 ADP E . 12.51 3.22 0.71
C8 ADP E . 12.37 4.50 1.04
N7 ADP E . 13.33 5.22 0.52
C5 ADP E . 14.16 4.37 -0.16
C6 ADP E . 15.39 4.49 -0.95
N6 ADP E . 16.00 5.69 -1.08
N1 ADP E . 15.85 3.38 -1.47
C2 ADP E . 15.28 2.14 -1.36
N3 ADP E . 14.15 1.95 -0.60
C4 ADP E . 13.61 3.04 -0.04
C1 3PG F . 0.58 -2.48 -0.71
O1 3PG F . 1.32 -2.97 0.16
O2 3PG F . 0.81 -1.31 -1.24
C2 3PG F . -0.60 -3.24 -1.22
O3 3PG F . -0.76 -4.47 -0.51
C3 3PG F . -0.49 -3.46 -2.73
O1P 3PG F . 0.68 -4.23 -2.99
P 3PG F . 1.37 -4.22 -4.47
O2P 3PG F . 0.27 -4.61 -5.46
O3P 3PG F . 1.83 -2.79 -4.71
O4P 3PG F . 2.47 -5.22 -4.41
#